data_4P5Q
#
_entry.id   4P5Q
#
_cell.length_a   53.374
_cell.length_b   38.196
_cell.length_c   75.771
_cell.angle_alpha   90.00
_cell.angle_beta   101.61
_cell.angle_gamma   90.00
#
_symmetry.space_group_name_H-M   'P 1 21 1'
#
loop_
_entity.id
_entity.type
_entity.pdbx_description
1 polymer 'Ephrin type-A receptor 3'
2 non-polymer 2-amino-1-(2-chlorophenyl)-N-(3-ethoxypropyl)-1H-pyrrolo[2,3-b]quinoxaline-3-carboxamide
3 water water
#
_entity_poly.entity_id   1
_entity_poly.type   'polypeptide(L)'
_entity_poly.pdbx_seq_one_letter_code
;MGSSHHHHHHSSGLVPRGSTQTVHEFAKELDATNISIDKVVGAGEFGEVCSGRLKLPSKKEISVAIKTLKVGYTEKQRRD
FLGEASIMGQFDHPNIIRLEGVVTKSKPVMIVTEYMENGSLDSFLRKHDAQFTVIQLVGMLRGIASGMKYLSDMGYVHRD
LAARNILINSNLVCKVSDFGLSRVLEDDPEAAYTTRGGKIPIRWTSPEAIAYRKFTSASDVWSYGIVLWEVMSYGERPYW
EMSNQDVIKAVDEGYRLPPPMDCPAALYQLMLDCWQKDRNNRPKFEQIVSILDKLIRNPGSLKIITSAAARPSNLLLDQS
NVDITTFRTTGDWLNGVWTAHCKEIFTGVEYSSCDTIAKIS
;
_entity_poly.pdbx_strand_id   A
#
loop_
_chem_comp.id
_chem_comp.type
_chem_comp.name
_chem_comp.formula
Q0B non-polymer 2-amino-1-(2-chlorophenyl)-N-(3-ethoxypropyl)-1H-pyrrolo[2,3-b]quinoxaline-3-carboxamide 'C22 H22 Cl N5 O2'
#
# COMPACT_ATOMS: atom_id res chain seq x y z
N VAL A 23 -11.59 -14.91 13.82
CA VAL A 23 -11.53 -14.46 12.44
C VAL A 23 -12.92 -14.44 11.81
N HIS A 24 -13.83 -15.24 12.35
CA HIS A 24 -15.17 -15.36 11.78
C HIS A 24 -16.10 -14.23 12.20
N GLU A 25 -15.61 -13.34 13.06
CA GLU A 25 -16.36 -12.13 13.39
C GLU A 25 -16.37 -11.19 12.18
N PHE A 26 -15.26 -11.20 11.43
CA PHE A 26 -15.09 -10.27 10.33
C PHE A 26 -14.86 -10.95 8.98
N ALA A 27 -14.72 -12.27 8.97
CA ALA A 27 -14.46 -13.01 7.75
C ALA A 27 -15.45 -14.14 7.58
N LYS A 28 -16.15 -14.17 6.47
CA LYS A 28 -17.08 -15.27 6.22
C LYS A 28 -16.31 -16.51 5.86
N GLU A 29 -16.83 -17.66 6.31
CA GLU A 29 -16.27 -18.95 5.95
C GLU A 29 -16.78 -19.34 4.57
N LEU A 30 -15.87 -19.58 3.65
CA LEU A 30 -16.23 -19.96 2.28
C LEU A 30 -16.22 -21.47 2.13
N ASP A 31 -17.09 -21.98 1.26
CA ASP A 31 -17.11 -23.40 0.93
C ASP A 31 -16.03 -23.68 -0.12
N ALA A 32 -15.13 -24.62 0.17
CA ALA A 32 -14.05 -24.97 -0.77
C ALA A 32 -14.57 -25.39 -2.14
N THR A 33 -15.80 -25.90 -2.18
CA THR A 33 -16.38 -26.33 -3.44
C THR A 33 -16.67 -25.14 -4.37
N ASN A 34 -16.70 -23.94 -3.79
CA ASN A 34 -16.98 -22.73 -4.56
C ASN A 34 -15.73 -22.02 -5.06
N ILE A 35 -14.57 -22.61 -4.78
CA ILE A 35 -13.29 -22.01 -5.17
C ILE A 35 -12.59 -22.88 -6.21
N SER A 36 -12.20 -22.27 -7.33
CA SER A 36 -11.35 -22.94 -8.29
C SER A 36 -9.98 -22.29 -8.23
N ILE A 37 -8.93 -23.11 -8.20
CA ILE A 37 -7.59 -22.60 -8.19
C ILE A 37 -7.01 -22.86 -9.55
N ASP A 38 -6.58 -21.79 -10.18
CA ASP A 38 -6.14 -21.88 -11.53
C ASP A 38 -4.60 -21.86 -11.69
N LYS A 39 -3.88 -21.06 -10.93
CA LYS A 39 -2.43 -20.91 -11.05
C LYS A 39 -1.77 -20.32 -9.82
N VAL A 40 -0.55 -20.77 -9.50
CA VAL A 40 0.27 -20.12 -8.50
C VAL A 40 0.92 -18.87 -9.08
N VAL A 41 0.73 -17.73 -8.43
CA VAL A 41 1.17 -16.45 -8.99
C VAL A 41 2.23 -15.76 -8.12
N GLY A 42 2.51 -16.31 -6.95
CA GLY A 42 3.49 -15.72 -6.07
C GLY A 42 3.81 -16.54 -4.85
N ALA A 43 4.91 -16.20 -4.20
CA ALA A 43 5.31 -16.83 -2.94
C ALA A 43 5.05 -15.86 -1.80
N GLY A 44 4.20 -16.26 -0.86
CA GLY A 44 3.87 -15.42 0.27
C GLY A 44 4.64 -15.82 1.52
N GLU A 45 4.50 -15.02 2.57
CA GLU A 45 5.19 -15.29 3.83
C GLU A 45 4.80 -16.63 4.43
N PHE A 46 3.52 -16.99 4.30
CA PHE A 46 2.98 -18.17 4.97
C PHE A 46 2.69 -19.31 4.02
N GLY A 47 2.91 -19.10 2.73
CA GLY A 47 2.60 -20.11 1.74
C GLY A 47 2.39 -19.51 0.35
N GLU A 48 2.03 -20.35 -0.61
CA GLU A 48 1.86 -19.89 -1.98
C GLU A 48 0.65 -18.99 -2.16
N VAL A 49 0.75 -18.06 -3.10
CA VAL A 49 -0.39 -17.25 -3.49
C VAL A 49 -0.83 -17.70 -4.88
N CYS A 50 -2.13 -17.92 -5.01
CA CYS A 50 -2.70 -18.42 -6.25
C CYS A 50 -3.72 -17.44 -6.81
N SER A 51 -4.05 -17.60 -8.07
CA SER A 51 -5.22 -16.92 -8.62
C SER A 51 -6.27 -17.97 -8.92
N GLY A 52 -7.52 -17.54 -9.02
CA GLY A 52 -8.60 -18.47 -9.29
C GLY A 52 -9.93 -17.76 -9.35
N ARG A 53 -10.99 -18.52 -9.06
CA ARG A 53 -12.34 -18.01 -9.17
C ARG A 53 -13.16 -18.42 -7.95
N LEU A 54 -14.10 -17.57 -7.59
CA LEU A 54 -14.99 -17.82 -6.47
C LEU A 54 -16.41 -17.69 -6.96
N LYS A 55 -17.22 -18.71 -6.70
CA LYS A 55 -18.65 -18.64 -6.97
C LYS A 55 -19.36 -18.11 -5.73
N LEU A 56 -20.00 -17.00 -5.89
CA LEU A 56 -20.75 -16.33 -4.80
C LEU A 56 -22.11 -17.01 -4.56
N PRO A 57 -22.74 -16.74 -3.42
CA PRO A 57 -24.02 -17.41 -3.14
C PRO A 57 -25.09 -17.11 -4.20
N SER A 58 -24.97 -15.93 -4.82
CA SER A 58 -25.84 -15.51 -5.93
C SER A 58 -25.56 -16.24 -7.24
N LYS A 59 -24.53 -17.09 -7.24
CA LYS A 59 -24.03 -17.85 -8.40
C LYS A 59 -23.09 -17.02 -9.29
N LYS A 60 -22.97 -15.72 -9.04
CA LYS A 60 -21.99 -14.91 -9.76
C LYS A 60 -20.59 -15.44 -9.51
N GLU A 61 -19.77 -15.50 -10.56
CA GLU A 61 -18.39 -15.95 -10.43
C GLU A 61 -17.43 -14.78 -10.61
N ILE A 62 -16.50 -14.62 -9.68
CA ILE A 62 -15.53 -13.54 -9.70
C ILE A 62 -14.11 -14.08 -9.65
N SER A 63 -13.20 -13.28 -10.20
CA SER A 63 -11.79 -13.60 -10.08
C SER A 63 -11.30 -13.24 -8.69
N VAL A 64 -10.46 -14.11 -8.13
CA VAL A 64 -9.92 -13.88 -6.81
C VAL A 64 -8.45 -14.22 -6.72
N ALA A 65 -7.79 -13.62 -5.73
CA ALA A 65 -6.47 -14.04 -5.31
C ALA A 65 -6.63 -14.93 -4.11
N ILE A 66 -5.81 -15.97 -4.02
CA ILE A 66 -5.94 -16.93 -2.94
C ILE A 66 -4.60 -17.16 -2.26
N LYS A 67 -4.49 -16.73 -1.00
CA LYS A 67 -3.34 -17.04 -0.19
C LYS A 67 -3.57 -18.34 0.55
N THR A 68 -2.59 -19.23 0.46
CA THR A 68 -2.68 -20.50 1.17
C THR A 68 -1.68 -20.55 2.31
N LEU A 69 -2.06 -21.27 3.36
CA LEU A 69 -1.16 -21.52 4.46
C LEU A 69 -0.41 -22.82 4.18
N LYS A 70 0.91 -22.77 4.22
CA LYS A 70 1.75 -23.92 3.86
C LYS A 70 1.46 -25.15 4.72
N VAL A 71 1.59 -26.33 4.12
N VAL A 71 1.57 -26.33 4.12
CA VAL A 71 1.40 -27.59 4.83
CA VAL A 71 1.37 -27.56 4.87
C VAL A 71 2.44 -27.72 5.96
C VAL A 71 2.39 -27.63 5.99
N GLY A 72 1.99 -28.22 7.12
CA GLY A 72 2.89 -28.37 8.25
C GLY A 72 3.05 -27.08 9.05
N TYR A 73 2.12 -26.16 8.88
CA TYR A 73 2.13 -24.91 9.62
C TYR A 73 2.05 -25.16 11.13
N THR A 74 2.63 -24.24 11.90
CA THR A 74 2.46 -24.25 13.35
C THR A 74 1.18 -23.51 13.71
N GLU A 75 0.72 -23.71 14.95
CA GLU A 75 -0.48 -23.00 15.42
C GLU A 75 -0.26 -21.49 15.43
N LYS A 76 0.97 -21.06 15.72
CA LYS A 76 1.28 -19.63 15.71
C LYS A 76 1.21 -19.08 14.29
N GLN A 77 1.73 -19.82 13.33
CA GLN A 77 1.66 -19.40 11.92
C GLN A 77 0.21 -19.26 11.46
N ARG A 78 -0.63 -20.22 11.88
CA ARG A 78 -2.05 -20.16 11.55
C ARG A 78 -2.69 -18.90 12.12
N ARG A 79 -2.36 -18.56 13.35
CA ARG A 79 -2.85 -17.34 13.98
C ARG A 79 -2.42 -16.07 13.30
N ASP A 80 -1.16 -15.98 12.94
CA ASP A 80 -0.65 -14.77 12.31
C ASP A 80 -1.18 -14.66 10.88
N PHE A 81 -1.29 -15.81 10.21
CA PHE A 81 -1.87 -15.86 8.88
C PHE A 81 -3.29 -15.32 8.88
N LEU A 82 -4.15 -15.92 9.70
CA LEU A 82 -5.55 -15.56 9.73
C LEU A 82 -5.77 -14.19 10.36
N GLY A 83 -4.83 -13.76 11.19
CA GLY A 83 -4.89 -12.45 11.79
C GLY A 83 -5.00 -11.34 10.76
N GLU A 84 -4.35 -11.52 9.61
CA GLU A 84 -4.47 -10.54 8.53
C GLU A 84 -5.90 -10.46 8.04
N ALA A 85 -6.55 -11.60 7.90
CA ALA A 85 -7.93 -11.64 7.43
C ALA A 85 -8.84 -10.95 8.43
N SER A 86 -8.58 -11.15 9.72
CA SER A 86 -9.36 -10.51 10.77
C SER A 86 -9.30 -9.00 10.63
N ILE A 87 -8.11 -8.48 10.35
CA ILE A 87 -7.93 -7.05 10.19
C ILE A 87 -8.55 -6.57 8.87
N MET A 88 -8.20 -7.23 7.77
CA MET A 88 -8.68 -6.83 6.44
C MET A 88 -10.21 -6.84 6.39
N GLY A 89 -10.82 -7.83 7.04
CA GLY A 89 -12.25 -7.99 7.03
C GLY A 89 -13.02 -6.84 7.69
N GLN A 90 -12.32 -5.99 8.43
CA GLN A 90 -12.98 -4.87 9.08
C GLN A 90 -13.18 -3.69 8.14
N PHE A 91 -12.54 -3.74 6.98
CA PHE A 91 -12.52 -2.61 6.06
C PHE A 91 -13.22 -2.89 4.74
N ASP A 92 -14.31 -2.17 4.50
CA ASP A 92 -15.07 -2.27 3.26
C ASP A 92 -14.96 -0.94 2.54
N HIS A 93 -14.03 -0.82 1.59
CA HIS A 93 -13.78 0.44 0.93
C HIS A 93 -13.21 0.17 -0.47
N PRO A 94 -13.50 1.00 -1.44
CA PRO A 94 -13.04 0.74 -2.81
C PRO A 94 -11.53 0.75 -2.95
N ASN A 95 -10.81 1.38 -2.03
CA ASN A 95 -9.36 1.45 -2.16
C ASN A 95 -8.65 0.68 -1.06
N ILE A 96 -9.34 -0.30 -0.50
CA ILE A 96 -8.74 -1.26 0.41
C ILE A 96 -9.06 -2.65 -0.14
N ILE A 97 -8.05 -3.51 -0.21
CA ILE A 97 -8.27 -4.85 -0.78
C ILE A 97 -9.43 -5.52 -0.06
N ARG A 98 -10.34 -6.07 -0.85
CA ARG A 98 -11.55 -6.68 -0.35
C ARG A 98 -11.32 -8.13 0.01
N LEU A 99 -11.63 -8.47 1.25
CA LEU A 99 -11.64 -9.85 1.71
C LEU A 99 -12.94 -10.51 1.31
N GLU A 100 -12.87 -11.58 0.50
CA GLU A 100 -14.06 -12.33 0.14
C GLU A 100 -14.39 -13.35 1.23
N GLY A 101 -13.36 -13.86 1.90
CA GLY A 101 -13.57 -14.75 3.01
C GLY A 101 -12.38 -15.65 3.24
N VAL A 102 -12.56 -16.62 4.13
CA VAL A 102 -11.51 -17.56 4.48
C VAL A 102 -12.00 -18.98 4.38
N VAL A 103 -11.06 -19.91 4.24
CA VAL A 103 -11.36 -21.33 4.36
C VAL A 103 -10.53 -21.86 5.52
N THR A 104 -11.22 -22.30 6.58
CA THR A 104 -10.54 -22.81 7.76
C THR A 104 -10.99 -24.23 8.11
N LYS A 105 -12.20 -24.59 7.67
CA LYS A 105 -12.77 -25.88 8.04
C LYS A 105 -12.28 -27.00 7.12
N SER A 106 -11.50 -26.64 6.11
CA SER A 106 -10.81 -27.62 5.29
C SER A 106 -9.40 -27.09 5.03
N LYS A 107 -8.54 -27.92 4.46
CA LYS A 107 -7.15 -27.58 4.31
C LYS A 107 -6.74 -27.78 2.86
N PRO A 108 -5.87 -26.94 2.31
CA PRO A 108 -5.16 -25.87 2.99
C PRO A 108 -6.05 -24.74 3.44
N VAL A 109 -5.65 -24.11 4.53
CA VAL A 109 -6.29 -22.90 5.03
C VAL A 109 -6.06 -21.78 4.02
N MET A 110 -7.09 -21.00 3.72
CA MET A 110 -6.98 -19.99 2.68
C MET A 110 -7.56 -18.65 3.09
N ILE A 111 -6.98 -17.59 2.54
CA ILE A 111 -7.55 -16.26 2.56
C ILE A 111 -7.84 -15.86 1.11
N VAL A 112 -9.09 -15.51 0.83
CA VAL A 112 -9.52 -15.20 -0.52
C VAL A 112 -9.88 -13.72 -0.64
N THR A 113 -9.22 -13.03 -1.58
CA THR A 113 -9.42 -11.60 -1.76
C THR A 113 -9.72 -11.29 -3.20
N GLU A 114 -10.10 -10.07 -3.49
CA GLU A 114 -10.32 -9.66 -4.84
C GLU A 114 -9.03 -9.75 -5.64
N TYR A 115 -9.17 -10.06 -6.91
CA TYR A 115 -8.04 -10.22 -7.82
C TYR A 115 -7.57 -8.87 -8.34
N MET A 116 -6.27 -8.66 -8.36
CA MET A 116 -5.71 -7.39 -8.82
C MET A 116 -4.74 -7.67 -9.95
N GLU A 117 -5.21 -7.48 -11.16
CA GLU A 117 -4.53 -8.04 -12.34
C GLU A 117 -3.11 -7.50 -12.52
N ASN A 118 -2.90 -6.26 -12.19
CA ASN A 118 -1.60 -5.66 -12.47
C ASN A 118 -0.62 -5.70 -11.30
N GLY A 119 -0.94 -6.44 -10.27
CA GLY A 119 0.00 -6.74 -9.22
C GLY A 119 0.38 -5.60 -8.29
N SER A 120 1.59 -5.71 -7.76
N SER A 120 1.59 -5.71 -7.76
CA SER A 120 2.09 -4.67 -6.88
CA SER A 120 2.06 -4.66 -6.86
C SER A 120 2.40 -3.39 -7.66
C SER A 120 2.42 -3.40 -7.64
N LEU A 121 2.11 -2.25 -7.06
CA LEU A 121 2.24 -0.98 -7.76
C LEU A 121 3.68 -0.65 -8.13
N ASP A 122 4.65 -0.94 -7.25
CA ASP A 122 6.02 -0.59 -7.58
C ASP A 122 6.53 -1.42 -8.77
N SER A 123 6.26 -2.72 -8.78
CA SER A 123 6.68 -3.55 -9.91
C SER A 123 5.94 -3.16 -11.19
N PHE A 124 4.67 -2.81 -11.06
CA PHE A 124 3.91 -2.37 -12.23
C PHE A 124 4.52 -1.12 -12.85
N LEU A 125 4.76 -0.10 -12.02
CA LEU A 125 5.28 1.15 -12.56
C LEU A 125 6.67 0.99 -13.15
N ARG A 126 7.49 0.10 -12.60
CA ARG A 126 8.83 -0.12 -13.15
C ARG A 126 8.76 -0.64 -14.59
N LYS A 127 7.68 -1.32 -14.96
CA LYS A 127 7.52 -1.83 -16.32
C LYS A 127 7.11 -0.74 -17.28
N HIS A 128 6.73 0.40 -16.78
CA HIS A 128 6.12 1.43 -17.53
C HIS A 128 6.72 2.81 -17.35
N ASP A 129 8.03 2.85 -17.19
CA ASP A 129 8.71 4.10 -16.87
C ASP A 129 8.36 5.19 -17.88
N ALA A 130 7.85 6.31 -17.36
CA ALA A 130 7.52 7.50 -18.14
C ALA A 130 6.38 7.27 -19.14
N GLN A 131 5.53 6.27 -18.90
CA GLN A 131 4.51 5.92 -19.90
C GLN A 131 3.10 6.36 -19.53
N PHE A 132 2.91 6.86 -18.32
CA PHE A 132 1.59 7.32 -17.91
C PHE A 132 1.54 8.84 -17.87
N THR A 133 0.34 9.40 -17.95
CA THR A 133 0.17 10.84 -17.82
C THR A 133 0.20 11.22 -16.35
N VAL A 134 0.47 12.47 -16.05
CA VAL A 134 0.44 12.93 -14.67
C VAL A 134 -0.95 12.72 -14.09
N ILE A 135 -1.99 12.96 -14.86
CA ILE A 135 -3.35 12.79 -14.35
C ILE A 135 -3.62 11.32 -14.00
N GLN A 136 -3.10 10.39 -14.80
CA GLN A 136 -3.23 8.97 -14.45
C GLN A 136 -2.52 8.66 -13.13
N LEU A 137 -1.32 9.18 -12.96
CA LEU A 137 -0.58 8.94 -11.72
C LEU A 137 -1.32 9.56 -10.52
N VAL A 138 -1.88 10.76 -10.71
CA VAL A 138 -2.60 11.42 -9.63
C VAL A 138 -3.84 10.61 -9.25
N GLY A 139 -4.51 10.01 -10.24
CA GLY A 139 -5.61 9.11 -9.97
C GLY A 139 -5.23 7.94 -9.07
N MET A 140 -4.09 7.32 -9.36
CA MET A 140 -3.56 6.24 -8.53
C MET A 140 -3.35 6.74 -7.09
N LEU A 141 -2.70 7.89 -6.99
CA LEU A 141 -2.35 8.47 -5.70
C LEU A 141 -3.59 8.84 -4.90
N ARG A 142 -4.61 9.35 -5.59
CA ARG A 142 -5.84 9.73 -4.92
C ARG A 142 -6.54 8.49 -4.33
N GLY A 143 -6.54 7.39 -5.08
CA GLY A 143 -7.10 6.15 -4.56
C GLY A 143 -6.39 5.67 -3.30
N ILE A 144 -5.06 5.67 -3.32
CA ILE A 144 -4.30 5.26 -2.15
C ILE A 144 -4.64 6.17 -0.96
N ALA A 145 -4.69 7.48 -1.19
CA ALA A 145 -4.99 8.41 -0.10
C ALA A 145 -6.39 8.18 0.47
N SER A 146 -7.35 7.89 -0.39
N SER A 146 -7.35 7.84 -0.38
CA SER A 146 -8.71 7.63 0.05
CA SER A 146 -8.72 7.63 0.07
C SER A 146 -8.73 6.41 0.96
C SER A 146 -8.88 6.34 0.87
N GLY A 147 -8.08 5.34 0.54
CA GLY A 147 -8.03 4.11 1.32
C GLY A 147 -7.40 4.40 2.68
N MET A 148 -6.31 5.15 2.68
CA MET A 148 -5.64 5.47 3.94
C MET A 148 -6.50 6.37 4.82
N LYS A 149 -7.30 7.25 4.21
CA LYS A 149 -8.19 8.11 4.98
C LYS A 149 -9.18 7.24 5.74
N TYR A 150 -9.68 6.20 5.09
CA TYR A 150 -10.63 5.31 5.77
C TYR A 150 -9.93 4.48 6.85
N LEU A 151 -8.76 3.95 6.57
CA LEU A 151 -8.02 3.19 7.58
C LEU A 151 -7.78 4.02 8.84
N SER A 152 -7.34 5.25 8.65
CA SER A 152 -7.05 6.10 9.80
C SER A 152 -8.35 6.50 10.51
N ASP A 153 -9.43 6.69 9.75
CA ASP A 153 -10.76 6.92 10.34
C ASP A 153 -11.14 5.78 11.25
N MET A 154 -10.70 4.57 10.92
CA MET A 154 -11.08 3.37 11.67
C MET A 154 -10.13 3.09 12.83
N GLY A 155 -9.13 3.95 13.01
CA GLY A 155 -8.22 3.82 14.15
C GLY A 155 -7.06 2.89 13.89
N TYR A 156 -6.81 2.53 12.64
N TYR A 156 -6.81 2.52 12.63
CA TYR A 156 -5.75 1.65 12.25
CA TYR A 156 -5.72 1.65 12.27
C TYR A 156 -4.54 2.46 11.82
C TYR A 156 -4.53 2.46 11.81
N VAL A 157 -3.39 2.06 12.29
CA VAL A 157 -2.12 2.56 11.75
C VAL A 157 -1.48 1.41 10.98
N HIS A 158 -1.23 1.63 9.70
CA HIS A 158 -0.77 0.55 8.83
C HIS A 158 0.67 0.11 9.13
N ARG A 159 1.56 1.10 9.27
CA ARG A 159 2.99 0.92 9.58
C ARG A 159 3.85 0.35 8.44
N ASP A 160 3.22 -0.10 7.35
CA ASP A 160 4.00 -0.67 6.25
C ASP A 160 3.47 -0.15 4.92
N LEU A 161 3.09 1.12 4.89
CA LEU A 161 2.58 1.72 3.67
C LEU A 161 3.76 2.00 2.74
N ALA A 162 3.76 1.29 1.61
CA ALA A 162 4.85 1.32 0.63
C ALA A 162 4.22 0.92 -0.68
N ALA A 163 4.82 1.33 -1.79
CA ALA A 163 4.21 1.00 -3.09
C ALA A 163 4.16 -0.52 -3.30
N ARG A 164 5.08 -1.26 -2.75
CA ARG A 164 5.05 -2.71 -2.84
C ARG A 164 3.83 -3.34 -2.16
N ASN A 165 3.24 -2.60 -1.23
CA ASN A 165 2.06 -3.09 -0.52
C ASN A 165 0.76 -2.47 -1.01
N ILE A 166 0.79 -1.84 -2.15
N ILE A 166 0.80 -1.85 -2.16
CA ILE A 166 -0.36 -1.34 -2.84
CA ILE A 166 -0.36 -1.38 -2.86
C ILE A 166 -0.54 -2.24 -4.08
C ILE A 166 -0.54 -2.25 -4.09
N LEU A 167 -1.76 -2.65 -4.36
CA LEU A 167 -2.07 -3.50 -5.51
C LEU A 167 -2.84 -2.67 -6.46
N ILE A 168 -2.72 -3.00 -7.75
CA ILE A 168 -3.35 -2.22 -8.80
C ILE A 168 -4.08 -3.14 -9.78
N ASN A 169 -5.30 -2.78 -10.12
CA ASN A 169 -6.17 -3.63 -10.92
C ASN A 169 -6.11 -3.32 -12.42
N SER A 170 -6.94 -3.98 -13.19
CA SER A 170 -6.93 -3.83 -14.63
C SER A 170 -7.30 -2.45 -15.06
N ASN A 171 -8.03 -1.72 -14.23
CA ASN A 171 -8.44 -0.39 -14.51
C ASN A 171 -7.58 0.70 -13.84
N LEU A 172 -6.48 0.28 -13.29
CA LEU A 172 -5.51 1.14 -12.61
C LEU A 172 -5.94 1.63 -11.24
N VAL A 173 -6.95 1.02 -10.70
CA VAL A 173 -7.39 1.39 -9.35
C VAL A 173 -6.44 0.78 -8.36
N CYS A 174 -5.97 1.60 -7.45
CA CYS A 174 -5.00 1.21 -6.44
C CYS A 174 -5.63 1.00 -5.08
N LYS A 175 -5.20 -0.06 -4.45
CA LYS A 175 -5.81 -0.47 -3.19
C LYS A 175 -4.77 -0.87 -2.16
N VAL A 176 -4.96 -0.43 -0.94
CA VAL A 176 -4.07 -0.79 0.12
C VAL A 176 -4.21 -2.26 0.52
N SER A 177 -3.05 -2.86 0.69
N SER A 177 -3.07 -2.89 0.67
CA SER A 177 -2.93 -4.26 1.03
CA SER A 177 -2.97 -4.29 1.08
C SER A 177 -1.95 -4.47 2.18
C SER A 177 -1.95 -4.47 2.17
N ASP A 178 -1.70 -5.71 2.54
CA ASP A 178 -0.68 -6.07 3.53
C ASP A 178 -0.99 -5.58 4.93
N PHE A 179 -1.91 -6.26 5.58
CA PHE A 179 -2.30 -5.86 6.92
C PHE A 179 -1.63 -6.70 8.00
N GLY A 180 -0.42 -7.16 7.71
CA GLY A 180 0.34 -8.00 8.63
C GLY A 180 1.13 -7.23 9.69
N LEU A 181 1.37 -5.95 9.46
CA LEU A 181 2.23 -5.18 10.39
C LEU A 181 1.46 -4.09 11.13
N SER A 182 0.15 -4.03 10.84
CA SER A 182 -0.70 -2.95 11.34
C SER A 182 -1.32 -3.23 12.70
N ARG A 183 -1.67 -2.15 13.35
CA ARG A 183 -2.20 -2.21 14.66
C ARG A 183 -3.37 -1.23 14.71
N ILE A 200 10.87 -3.37 10.97
CA ILE A 200 10.14 -2.27 10.38
C ILE A 200 10.82 -1.78 9.11
N PRO A 201 10.04 -1.29 8.13
CA PRO A 201 10.63 -0.84 6.86
C PRO A 201 11.25 0.55 6.97
N ILE A 202 12.56 0.62 7.22
CA ILE A 202 13.21 1.89 7.53
C ILE A 202 12.93 2.99 6.51
N ARG A 203 13.06 2.68 5.23
CA ARG A 203 12.92 3.67 4.17
C ARG A 203 11.55 4.36 4.12
N TRP A 204 10.54 3.68 4.63
CA TRP A 204 9.19 4.18 4.57
C TRP A 204 8.69 4.73 5.88
N THR A 205 9.49 4.62 6.92
CA THR A 205 9.07 4.92 8.29
C THR A 205 9.45 6.34 8.70
N SER A 206 8.57 7.02 9.41
CA SER A 206 8.83 8.38 9.85
C SER A 206 9.99 8.42 10.89
N PRO A 207 10.68 9.55 10.99
CA PRO A 207 11.82 9.63 11.90
C PRO A 207 11.42 9.32 13.34
N GLU A 208 10.25 9.77 13.78
CA GLU A 208 9.88 9.54 15.17
C GLU A 208 9.50 8.09 15.42
N ALA A 209 8.98 7.41 14.39
CA ALA A 209 8.65 6.00 14.55
C ALA A 209 9.95 5.17 14.58
N ILE A 210 10.94 5.57 13.80
CA ILE A 210 12.26 4.94 13.89
C ILE A 210 12.92 5.25 15.24
N ALA A 211 12.80 6.48 15.71
CA ALA A 211 13.54 6.90 16.92
C ALA A 211 13.04 6.21 18.19
N TYR A 212 11.71 6.16 18.36
CA TYR A 212 11.16 5.57 19.58
C TYR A 212 9.78 4.95 19.38
N ARG A 213 9.54 4.40 18.19
CA ARG A 213 8.33 3.62 17.90
C ARG A 213 7.07 4.44 18.10
N LYS A 214 7.13 5.72 17.77
CA LYS A 214 5.97 6.58 17.81
C LYS A 214 5.20 6.43 16.49
N PHE A 215 4.31 5.44 16.46
CA PHE A 215 3.48 5.14 15.29
C PHE A 215 2.11 5.77 15.47
N THR A 216 1.74 6.65 14.55
CA THR A 216 0.45 7.34 14.56
C THR A 216 -0.06 7.41 13.13
N SER A 217 -1.27 7.90 12.91
CA SER A 217 -1.68 8.14 11.54
C SER A 217 -0.74 9.13 10.85
N ALA A 218 -0.12 10.03 11.61
CA ALA A 218 0.82 10.97 10.99
C ALA A 218 2.12 10.30 10.53
N SER A 219 2.48 9.18 11.14
N SER A 219 2.47 9.18 11.16
CA SER A 219 3.62 8.43 10.61
CA SER A 219 3.58 8.37 10.67
C SER A 219 3.20 7.66 9.34
C SER A 219 3.18 7.72 9.35
N ASP A 220 1.92 7.29 9.24
CA ASP A 220 1.41 6.75 7.97
C ASP A 220 1.42 7.83 6.88
N VAL A 221 1.17 9.08 7.26
CA VAL A 221 1.22 10.17 6.27
C VAL A 221 2.65 10.36 5.75
N TRP A 222 3.64 10.27 6.63
CA TRP A 222 5.03 10.24 6.19
C TRP A 222 5.23 9.15 5.13
N SER A 223 4.79 7.94 5.44
CA SER A 223 4.93 6.82 4.50
C SER A 223 4.25 7.14 3.19
N TYR A 224 3.06 7.77 3.27
CA TYR A 224 2.34 8.15 2.06
C TYR A 224 3.20 9.08 1.21
N GLY A 225 3.93 10.01 1.84
CA GLY A 225 4.82 10.87 1.07
C GLY A 225 5.88 10.07 0.34
N ILE A 226 6.40 9.04 0.99
CA ILE A 226 7.35 8.16 0.31
C ILE A 226 6.68 7.44 -0.88
N VAL A 227 5.46 6.94 -0.69
CA VAL A 227 4.73 6.29 -1.78
C VAL A 227 4.52 7.26 -2.94
N LEU A 228 4.19 8.50 -2.62
CA LEU A 228 4.02 9.54 -3.62
C LEU A 228 5.31 9.72 -4.43
N TRP A 229 6.46 9.74 -3.75
CA TRP A 229 7.73 9.78 -4.44
C TRP A 229 7.97 8.52 -5.29
N GLU A 230 7.62 7.36 -4.77
CA GLU A 230 7.78 6.11 -5.53
C GLU A 230 6.95 6.14 -6.83
N VAL A 231 5.70 6.61 -6.72
CA VAL A 231 4.85 6.64 -7.89
C VAL A 231 5.39 7.61 -8.92
N MET A 232 5.76 8.82 -8.50
CA MET A 232 6.22 9.81 -9.46
C MET A 232 7.58 9.43 -10.04
N SER A 233 8.27 8.52 -9.38
N SER A 233 8.27 8.50 -9.38
CA SER A 233 9.56 7.99 -9.82
CA SER A 233 9.56 8.02 -9.87
C SER A 233 9.43 6.65 -10.55
C SER A 233 9.43 6.66 -10.57
N TYR A 234 8.20 6.23 -10.81
CA TYR A 234 7.92 4.96 -11.49
C TYR A 234 8.60 3.77 -10.81
N GLY A 235 8.52 3.73 -9.48
CA GLY A 235 8.96 2.54 -8.78
C GLY A 235 10.42 2.48 -8.41
N GLU A 236 11.10 3.60 -8.47
N GLU A 236 11.10 3.60 -8.47
CA GLU A 236 12.43 3.67 -7.92
CA GLU A 236 12.45 3.69 -7.93
C GLU A 236 12.43 3.43 -6.42
C GLU A 236 12.43 3.43 -6.43
N ARG A 237 13.48 2.81 -5.93
CA ARG A 237 13.56 2.51 -4.52
C ARG A 237 13.86 3.77 -3.72
N PRO A 238 13.10 4.06 -2.68
CA PRO A 238 13.37 5.26 -1.91
C PRO A 238 14.77 5.19 -1.29
N TYR A 239 15.54 6.23 -1.46
CA TYR A 239 16.92 6.34 -0.94
C TYR A 239 17.83 5.31 -1.60
N TRP A 240 17.37 4.75 -2.71
CA TRP A 240 18.17 3.81 -3.50
C TRP A 240 18.77 2.75 -2.56
N GLU A 241 20.07 2.52 -2.63
N GLU A 241 20.07 2.51 -2.62
CA GLU A 241 20.68 1.49 -1.79
CA GLU A 241 20.64 1.49 -1.74
C GLU A 241 21.53 2.06 -0.66
C GLU A 241 21.57 2.09 -0.69
N MET A 242 21.21 3.28 -0.21
CA MET A 242 21.92 3.90 0.91
C MET A 242 21.89 2.97 2.11
N SER A 243 22.96 2.95 2.90
CA SER A 243 22.94 2.14 4.11
C SER A 243 21.82 2.66 5.01
N ASN A 244 21.14 1.77 5.71
CA ASN A 244 20.02 2.17 6.57
C ASN A 244 20.44 3.22 7.59
N GLN A 245 21.66 3.11 8.07
CA GLN A 245 22.16 4.03 9.05
C GLN A 245 22.21 5.43 8.47
N ASP A 246 22.57 5.52 7.20
CA ASP A 246 22.62 6.82 6.53
C ASP A 246 21.23 7.35 6.16
N VAL A 247 20.31 6.47 5.81
CA VAL A 247 18.93 6.91 5.60
C VAL A 247 18.39 7.53 6.89
N ILE A 248 18.64 6.87 8.01
CA ILE A 248 18.17 7.37 9.30
C ILE A 248 18.82 8.71 9.64
N LYS A 249 20.14 8.77 9.53
CA LYS A 249 20.85 9.99 9.90
C LYS A 249 20.52 11.16 8.97
N ALA A 250 20.50 10.91 7.66
CA ALA A 250 20.25 11.98 6.69
C ALA A 250 18.87 12.60 6.88
N VAL A 251 17.86 11.75 7.01
CA VAL A 251 16.50 12.25 7.18
C VAL A 251 16.39 13.04 8.49
N ASP A 252 17.01 12.53 9.54
CA ASP A 252 16.97 13.24 10.80
C ASP A 252 17.64 14.62 10.70
N GLU A 253 18.71 14.72 9.89
CA GLU A 253 19.39 16.00 9.69
C GLU A 253 18.60 16.97 8.80
N GLY A 254 17.50 16.51 8.20
CA GLY A 254 16.66 17.37 7.41
C GLY A 254 16.70 17.13 5.91
N TYR A 255 17.52 16.18 5.49
CA TYR A 255 17.60 15.84 4.06
C TYR A 255 16.35 15.12 3.61
N ARG A 256 15.98 15.34 2.35
CA ARG A 256 14.76 14.76 1.79
C ARG A 256 15.05 14.23 0.40
N LEU A 257 14.27 13.25 -0.03
CA LEU A 257 14.37 12.78 -1.40
C LEU A 257 14.16 13.93 -2.38
N PRO A 258 14.91 13.92 -3.48
CA PRO A 258 14.84 14.98 -4.49
C PRO A 258 13.60 14.84 -5.37
N PRO A 259 13.23 15.91 -6.08
CA PRO A 259 12.07 15.77 -6.98
C PRO A 259 12.32 14.74 -8.06
N PRO A 260 11.37 13.82 -8.28
CA PRO A 260 11.48 12.89 -9.40
C PRO A 260 11.52 13.65 -10.71
N MET A 261 12.05 13.02 -11.77
CA MET A 261 12.11 13.68 -13.06
C MET A 261 10.72 14.14 -13.51
N ASP A 262 10.65 15.41 -13.92
CA ASP A 262 9.43 16.01 -14.47
C ASP A 262 8.28 16.04 -13.48
N CYS A 263 8.60 16.01 -12.19
CA CYS A 263 7.56 16.03 -11.16
C CYS A 263 6.94 17.41 -11.03
N PRO A 264 5.61 17.52 -11.13
CA PRO A 264 4.93 18.79 -10.87
C PRO A 264 5.29 19.35 -9.49
N ALA A 265 5.46 20.65 -9.39
CA ALA A 265 5.80 21.31 -8.17
C ALA A 265 4.77 21.04 -7.09
N ALA A 266 3.51 21.01 -7.46
CA ALA A 266 2.44 20.72 -6.51
C ALA A 266 2.64 19.39 -5.81
N LEU A 267 3.08 18.38 -6.57
CA LEU A 267 3.22 17.05 -6.01
C LEU A 267 4.50 16.93 -5.18
N TYR A 268 5.58 17.59 -5.60
CA TYR A 268 6.78 17.57 -4.78
C TYR A 268 6.55 18.31 -3.47
N GLN A 269 5.84 19.44 -3.53
CA GLN A 269 5.51 20.14 -2.29
C GLN A 269 4.66 19.25 -1.37
N LEU A 270 3.73 18.49 -1.95
CA LEU A 270 2.94 17.57 -1.12
C LEU A 270 3.85 16.54 -0.42
N MET A 271 4.85 16.03 -1.13
CA MET A 271 5.84 15.14 -0.50
C MET A 271 6.50 15.83 0.68
N LEU A 272 7.00 17.03 0.45
CA LEU A 272 7.69 17.77 1.52
C LEU A 272 6.77 18.01 2.71
N ASP A 273 5.49 18.26 2.44
CA ASP A 273 4.52 18.45 3.52
C ASP A 273 4.32 17.16 4.32
N CYS A 274 4.23 16.04 3.62
CA CYS A 274 4.13 14.73 4.28
C CYS A 274 5.37 14.41 5.10
N TRP A 275 6.49 15.02 4.73
CA TRP A 275 7.77 14.75 5.38
C TRP A 275 8.16 15.84 6.38
N GLN A 276 7.21 16.60 6.88
CA GLN A 276 7.56 17.60 7.91
C GLN A 276 8.14 16.90 9.14
N LYS A 277 9.20 17.46 9.69
CA LYS A 277 9.84 16.90 10.87
C LYS A 277 8.83 16.80 12.04
N ASP A 278 8.09 17.88 12.25
CA ASP A 278 7.03 17.92 13.25
C ASP A 278 5.78 17.23 12.72
N ARG A 279 5.43 16.08 13.29
CA ARG A 279 4.32 15.31 12.76
C ARG A 279 2.99 16.06 12.82
N ASN A 280 2.84 16.99 13.76
CA ASN A 280 1.62 17.80 13.82
C ASN A 280 1.46 18.76 12.65
N ASN A 281 2.55 18.97 11.89
CA ASN A 281 2.49 19.85 10.72
C ASN A 281 2.21 19.12 9.41
N ARG A 282 2.15 17.79 9.46
CA ARG A 282 1.83 17.01 8.27
C ARG A 282 0.34 17.11 8.03
N PRO A 283 -0.07 17.08 6.75
CA PRO A 283 -1.51 17.09 6.44
C PRO A 283 -2.18 15.80 6.93
N LYS A 284 -3.48 15.85 7.21
CA LYS A 284 -4.24 14.64 7.48
C LYS A 284 -4.60 14.00 6.15
N PHE A 285 -4.94 12.72 6.17
CA PHE A 285 -5.29 12.07 4.92
C PHE A 285 -6.48 12.74 4.23
N GLU A 286 -7.45 13.24 4.98
CA GLU A 286 -8.58 13.93 4.34
C GLU A 286 -8.10 15.13 3.54
N GLN A 287 -7.10 15.84 4.06
CA GLN A 287 -6.54 16.99 3.36
C GLN A 287 -5.77 16.56 2.11
N ILE A 288 -5.06 15.43 2.22
CA ILE A 288 -4.34 14.90 1.06
C ILE A 288 -5.33 14.54 -0.05
N VAL A 289 -6.43 13.89 0.30
CA VAL A 289 -7.43 13.55 -0.69
C VAL A 289 -7.96 14.82 -1.36
N SER A 290 -8.23 15.84 -0.56
CA SER A 290 -8.74 17.10 -1.09
C SER A 290 -7.73 17.77 -2.02
N ILE A 291 -6.45 17.75 -1.66
CA ILE A 291 -5.42 18.30 -2.51
C ILE A 291 -5.38 17.61 -3.87
N LEU A 292 -5.43 16.28 -3.86
CA LEU A 292 -5.35 15.52 -5.10
C LEU A 292 -6.61 15.70 -5.94
N ASP A 293 -7.77 15.83 -5.29
CA ASP A 293 -9.00 16.05 -6.02
C ASP A 293 -8.94 17.38 -6.78
N LYS A 294 -8.33 18.39 -6.19
CA LYS A 294 -8.10 19.64 -6.89
C LYS A 294 -7.17 19.50 -8.07
N LEU A 295 -6.14 18.71 -7.90
CA LEU A 295 -5.20 18.51 -8.99
C LEU A 295 -5.81 17.72 -10.14
N ILE A 296 -6.72 16.81 -9.83
CA ILE A 296 -7.49 16.10 -10.86
C ILE A 296 -8.40 17.05 -11.65
N ARG A 297 -8.99 17.99 -10.97
CA ARG A 297 -9.93 18.98 -11.49
C ARG A 297 -9.37 20.04 -12.35
N ASN A 298 -8.14 20.41 -12.12
CA ASN A 298 -7.52 21.40 -12.94
C ASN A 298 -6.13 20.91 -13.35
N PRO A 299 -6.08 20.10 -14.37
CA PRO A 299 -4.84 19.46 -14.77
C PRO A 299 -3.84 20.45 -15.14
N GLY A 300 -4.26 21.64 -15.49
CA GLY A 300 -3.30 22.61 -15.88
C GLY A 300 -2.37 22.90 -14.74
N SER A 301 -2.88 22.84 -13.54
CA SER A 301 -2.06 23.27 -12.42
C SER A 301 -0.75 22.53 -12.43
N LEU A 302 -0.78 21.33 -12.97
CA LEU A 302 0.30 20.42 -12.97
C LEU A 302 1.45 20.89 -13.84
N LYS A 303 1.27 22.01 -14.53
CA LYS A 303 2.20 22.53 -15.53
C LYS A 303 3.49 22.99 -15.00
N ILE A 304 3.46 23.53 -13.81
CA ILE A 304 4.68 23.99 -13.15
C ILE A 304 5.45 22.78 -12.67
N ILE A 305 6.64 22.59 -13.20
CA ILE A 305 7.49 21.45 -12.91
C ILE A 305 8.64 21.88 -12.04
N THR A 306 9.07 21.00 -11.15
CA THR A 306 10.18 21.33 -10.26
C THR A 306 11.55 21.37 -10.91
N PRO A 312 25.06 19.28 -5.83
CA PRO A 312 25.15 19.52 -4.39
C PRO A 312 25.23 18.21 -3.61
N SER A 313 24.09 17.55 -3.48
CA SER A 313 24.03 16.20 -2.90
C SER A 313 22.79 15.50 -3.48
N ASN A 314 22.76 14.17 -3.45
CA ASN A 314 21.62 13.41 -3.95
C ASN A 314 20.33 13.77 -3.24
N LEU A 315 20.39 13.77 -1.91
CA LEU A 315 19.29 14.25 -1.10
C LEU A 315 19.37 15.76 -0.96
N LEU A 316 18.24 16.41 -0.75
CA LEU A 316 18.18 17.86 -0.64
C LEU A 316 17.87 18.32 0.77
N LEU A 317 18.50 19.35 1.23
CA LEU A 317 18.32 19.70 2.61
C LEU A 317 17.07 20.53 2.62
N ASP A 318 15.98 20.00 3.16
CA ASP A 318 14.56 20.06 2.75
C ASP A 318 14.33 20.22 1.25
CL Q0B B . -4.61 -13.02 -1.67
C15 Q0B B . -4.21 -11.50 -0.79
C16 Q0B B . -4.62 -11.35 0.53
C17 Q0B B . -4.33 -10.20 1.23
C18 Q0B B . -3.61 -9.20 0.61
C19 Q0B B . -3.18 -9.32 -0.70
C14 Q0B B . -3.43 -10.44 -1.48
N11 Q0B B . -3.02 -10.56 -2.74
C10 Q0B B . -3.79 -10.31 -3.81
N21 Q0B B . -5.09 -9.91 -3.77
C12 Q0B B . -1.76 -10.94 -3.02
C8 Q0B B . -1.66 -10.97 -4.51
N7 Q0B B . -0.53 -11.30 -5.16
C5 Q0B B . 0.54 -11.65 -4.41
C6 Q0B B . 1.75 -12.00 -5.01
C1 Q0B B . 2.85 -12.35 -4.22
C2 Q0B B . 2.77 -12.33 -2.84
C3 Q0B B . 1.59 -11.97 -2.18
C4 Q0B B . 0.47 -11.62 -2.92
N13 Q0B B . -0.67 -11.28 -2.28
C9 Q0B B . -2.98 -10.55 -5.03
C22 Q0B B . -3.32 -10.44 -6.48
O23 Q0B B . -4.44 -10.14 -6.84
N24 Q0B B . -2.37 -10.70 -7.37
C35 Q0B B . -2.69 -11.23 -8.69
C36 Q0B B . -1.44 -11.40 -9.55
C37 Q0B B . -1.14 -10.14 -10.38
O38 Q0B B . 0.20 -10.19 -10.86
C39 Q0B B . 0.44 -9.20 -11.86
C40 Q0B B . 1.91 -9.11 -12.17
#